data_5KIV
#
_entry.id   5KIV
#
_cell.length_a   46.823
_cell.length_b   47.853
_cell.length_c   134.950
_cell.angle_alpha   90.00
_cell.angle_beta   90.00
_cell.angle_gamma   90.00
#
_symmetry.space_group_name_H-M   'P 21 21 21'
#
loop_
_entity.id
_entity.type
_entity.pdbx_description
1 polymer 'Protein-ADP-ribose hydrolase'
2 non-polymer 'ZINC ION'
3 non-polymer 1,2-ETHANEDIOL
4 non-polymer ETHANOL
5 water water
#
_entity_poly.entity_id   1
_entity_poly.type   'polypeptide(L)'
_entity_poly.pdbx_seq_one_letter_code
;GSHMASMETLKSNKARLEYLINDMRRERNDNDVLVMPSSFEDLWELYRGLANVRPALPVSDEYLAVQDAMLSDLNHQHVT
DLKDLKPIKGDNIFVWQGDITTLKIDAIVNAANSRFLGCMQANHDCIDNIIHTKAGVQVRLDCAEIIRQQGRNEGVGKAK
KTRGYNLPAKYIIHTVGPQIRRLPVSKMNQDLLAKCYLSCLKLADQHSLNHVAFCCISTGVFAFPQDEAAEIAVRTVESY
LKETNSTLKVVFNVFTDKDLQLYKEALNRDAE
;
_entity_poly.pdbx_strand_id   A
#
loop_
_chem_comp.id
_chem_comp.type
_chem_comp.name
_chem_comp.formula
EDO non-polymer 1,2-ETHANEDIOL 'C2 H6 O2'
EOH non-polymer ETHANOL 'C2 H6 O'
ZN non-polymer 'ZINC ION' 'Zn 2'
#
# COMPACT_ATOMS: atom_id res chain seq x y z
N GLY A 1 -15.10 19.10 -10.21
CA GLY A 1 -16.19 20.00 -9.71
C GLY A 1 -15.66 21.41 -9.48
N SER A 2 -16.52 22.29 -8.99
CA SER A 2 -16.17 23.70 -8.82
C SER A 2 -15.09 23.91 -7.75
N HIS A 3 -14.36 25.01 -7.88
CA HIS A 3 -13.43 25.42 -6.84
C HIS A 3 -14.18 25.58 -5.51
N MET A 4 -15.38 26.15 -5.59
CA MET A 4 -16.22 26.31 -4.41
C MET A 4 -16.48 24.99 -3.70
N ALA A 5 -16.90 23.98 -4.47
CA ALA A 5 -17.17 22.66 -3.90
C ALA A 5 -15.91 22.08 -3.28
N SER A 6 -14.78 22.34 -3.91
CA SER A 6 -13.48 21.85 -3.46
C SER A 6 -13.14 22.44 -2.10
N MET A 7 -13.46 23.72 -1.93
CA MET A 7 -13.14 24.43 -0.70
C MET A 7 -14.08 23.95 0.42
N GLU A 8 -15.33 23.62 0.09
CA GLU A 8 -16.24 23.09 1.09
C GLU A 8 -15.79 21.70 1.57
N THR A 9 -15.36 20.85 0.64
CA THR A 9 -14.86 19.53 0.98
C THR A 9 -13.60 19.65 1.84
N LEU A 10 -12.73 20.59 1.50
CA LEU A 10 -11.52 20.83 2.29
C LEU A 10 -11.87 21.19 3.74
N LYS A 11 -12.83 22.09 3.88
CA LYS A 11 -13.30 22.52 5.19
C LYS A 11 -13.84 21.33 5.99
N SER A 12 -14.67 20.52 5.35
CA SER A 12 -15.21 19.32 5.97
C SER A 12 -14.10 18.37 6.40
N ASN A 13 -13.11 18.15 5.52
CA ASN A 13 -12.05 17.20 5.85
C ASN A 13 -11.13 17.77 6.93
N LYS A 14 -10.92 19.07 6.97
CA LYS A 14 -10.14 19.64 8.07
C LYS A 14 -10.87 19.45 9.39
N ALA A 15 -12.19 19.60 9.38
CA ALA A 15 -12.98 19.39 10.58
C ALA A 15 -12.95 17.90 11.01
N ARG A 16 -13.00 17.00 10.05
CA ARG A 16 -12.85 15.57 10.35
C ARG A 16 -11.48 15.27 10.95
N LEU A 17 -10.42 15.87 10.40
CA LEU A 17 -9.09 15.69 10.99
C LEU A 17 -9.04 16.16 12.44
N GLU A 18 -9.61 17.32 12.73
CA GLU A 18 -9.59 17.84 14.08
C GLU A 18 -10.30 16.87 15.01
N TYR A 19 -11.43 16.36 14.54
CA TYR A 19 -12.21 15.35 15.27
C TYR A 19 -11.39 14.12 15.61
N LEU A 20 -10.70 13.58 14.61
CA LEU A 20 -9.96 12.33 14.77
C LEU A 20 -8.75 12.53 15.67
N ILE A 21 -8.07 13.65 15.50
CA ILE A 21 -6.93 14.01 16.35
C ILE A 21 -7.36 14.12 17.82
N ASN A 22 -8.46 14.83 18.04
CA ASN A 22 -9.00 14.99 19.39
C ASN A 22 -9.30 13.63 20.04
N ASP A 23 -9.96 12.74 19.29
CA ASP A 23 -10.24 11.40 19.81
C ASP A 23 -8.96 10.67 20.23
N MET A 24 -7.95 10.69 19.38
CA MET A 24 -6.74 9.93 19.65
C MET A 24 -5.93 10.57 20.78
N ARG A 25 -6.04 11.88 20.93
CA ARG A 25 -5.39 12.55 22.06
C ARG A 25 -6.09 12.24 23.38
N ARG A 26 -7.42 12.15 23.37
CA ARG A 26 -8.14 11.96 24.62
C ARG A 26 -8.32 10.50 25.09
N GLU A 27 -8.12 9.50 24.21
CA GLU A 27 -8.44 8.13 24.59
C GLU A 27 -7.36 7.51 25.52
N ARG A 28 -6.16 8.06 25.50
CA ARG A 28 -5.07 7.52 26.31
C ARG A 28 -4.00 8.58 26.53
N MET A 36 -4.80 23.58 18.11
CA MET A 36 -4.05 22.72 17.19
C MET A 36 -3.93 23.40 15.80
N PRO A 37 -3.08 22.86 14.90
CA PRO A 37 -2.71 23.69 13.75
C PRO A 37 -3.84 23.95 12.75
N SER A 38 -3.57 24.80 11.77
CA SER A 38 -4.63 25.36 10.94
C SER A 38 -4.72 24.74 9.55
N SER A 39 -3.58 24.54 8.90
CA SER A 39 -3.60 24.05 7.52
C SER A 39 -3.91 22.56 7.42
N PHE A 40 -4.47 22.16 6.28
CA PHE A 40 -4.75 20.75 6.02
C PHE A 40 -3.44 19.96 6.11
N GLU A 41 -2.37 20.52 5.57
CA GLU A 41 -1.08 19.84 5.57
CA GLU A 41 -1.09 19.84 5.56
C GLU A 41 -0.61 19.52 6.97
N ASP A 42 -0.71 20.51 7.86
CA ASP A 42 -0.23 20.34 9.23
C ASP A 42 -1.19 19.44 10.03
N LEU A 43 -2.50 19.56 9.77
CA LEU A 43 -3.45 18.68 10.45
C LEU A 43 -3.22 17.25 10.04
N TRP A 44 -2.99 17.04 8.75
CA TRP A 44 -2.77 15.70 8.23
C TRP A 44 -1.54 15.04 8.89
N GLU A 45 -0.45 15.78 9.03
CA GLU A 45 0.75 15.18 9.63
C GLU A 45 0.56 14.86 11.10
N LEU A 46 -0.20 15.70 11.81
CA LEU A 46 -0.52 15.46 13.20
C LEU A 46 -1.38 14.21 13.34
N TYR A 47 -2.46 14.14 12.55
CA TYR A 47 -3.28 12.93 12.47
C TYR A 47 -2.47 11.66 12.14
N ARG A 48 -1.66 11.77 11.09
CA ARG A 48 -0.87 10.64 10.63
C ARG A 48 0.04 10.09 11.73
N GLY A 49 0.78 10.97 12.42
CA GLY A 49 1.65 10.50 13.48
C GLY A 49 0.92 9.77 14.61
N LEU A 50 -0.24 10.30 14.98
CA LEU A 50 -1.03 9.72 16.05
C LEU A 50 -1.55 8.35 15.63
N ALA A 51 -2.03 8.29 14.39
CA ALA A 51 -2.52 7.04 13.82
C ALA A 51 -1.41 6.03 13.73
N ASN A 52 -0.24 6.48 13.27
CA ASN A 52 0.89 5.60 13.09
C ASN A 52 1.28 4.87 14.36
N VAL A 53 1.41 5.60 15.46
CA VAL A 53 1.94 5.01 16.66
C VAL A 53 0.91 4.26 17.52
N ARG A 54 -0.39 4.40 17.21
CA ARG A 54 -1.45 3.86 18.04
C ARG A 54 -1.46 2.30 18.08
N PRO A 55 -1.36 1.73 19.29
CA PRO A 55 -1.46 0.25 19.40
C PRO A 55 -2.77 -0.28 18.80
N ALA A 56 -2.76 -1.56 18.43
CA ALA A 56 -3.90 -2.16 17.73
C ALA A 56 -4.98 -2.53 18.72
N LEU A 57 -5.67 -1.51 19.20
CA LEU A 57 -6.78 -1.69 20.14
C LEU A 57 -8.08 -1.21 19.51
N PRO A 58 -9.23 -1.70 20.03
CA PRO A 58 -10.52 -1.28 19.48
C PRO A 58 -10.69 0.23 19.51
N VAL A 59 -11.45 0.77 18.55
CA VAL A 59 -11.73 2.19 18.46
C VAL A 59 -13.20 2.44 18.69
N SER A 60 -13.56 3.70 18.89
CA SER A 60 -14.96 4.09 18.95
CA SER A 60 -14.95 4.11 18.95
C SER A 60 -15.59 3.92 17.57
N ASP A 61 -16.82 3.47 17.54
CA ASP A 61 -17.52 3.35 16.28
C ASP A 61 -17.87 4.72 15.65
N GLU A 62 -18.02 5.76 16.47
CA GLU A 62 -18.18 7.10 15.91
CA GLU A 62 -18.19 7.09 15.91
C GLU A 62 -16.90 7.55 15.25
N TYR A 63 -15.77 7.23 15.87
CA TYR A 63 -14.48 7.51 15.26
C TYR A 63 -14.41 6.89 13.86
N LEU A 64 -14.79 5.62 13.76
CA LEU A 64 -14.72 4.94 12.48
C LEU A 64 -15.63 5.58 11.42
N ALA A 65 -16.83 5.99 11.82
CA ALA A 65 -17.70 6.72 10.88
C ALA A 65 -17.04 7.97 10.29
N VAL A 66 -16.41 8.76 11.15
CA VAL A 66 -15.76 9.99 10.73
C VAL A 66 -14.52 9.68 9.89
N GLN A 67 -13.71 8.73 10.37
CA GLN A 67 -12.50 8.30 9.66
C GLN A 67 -12.82 7.85 8.25
N ASP A 68 -13.82 6.99 8.13
CA ASP A 68 -14.18 6.44 6.82
C ASP A 68 -14.69 7.53 5.87
N ALA A 69 -15.46 8.48 6.39
CA ALA A 69 -15.97 9.56 5.55
C ALA A 69 -14.81 10.36 4.99
N MET A 70 -13.82 10.60 5.84
CA MET A 70 -12.66 11.39 5.45
C MET A 70 -11.81 10.65 4.46
N LEU A 71 -11.41 9.44 4.82
CA LEU A 71 -10.45 8.71 4.01
C LEU A 71 -11.08 8.36 2.66
N SER A 72 -12.34 7.92 2.65
CA SER A 72 -12.99 7.61 1.38
CA SER A 72 -12.98 7.61 1.38
C SER A 72 -13.03 8.84 0.49
N ASP A 73 -13.38 9.96 1.08
CA ASP A 73 -13.43 11.18 0.31
C ASP A 73 -12.06 11.49 -0.28
N LEU A 74 -11.05 11.54 0.58
CA LEU A 74 -9.70 11.86 0.13
C LEU A 74 -9.20 10.91 -0.98
N ASN A 75 -9.43 9.60 -0.79
CA ASN A 75 -8.86 8.61 -1.70
C ASN A 75 -9.54 8.61 -3.05
N HIS A 76 -10.77 9.10 -3.10
CA HIS A 76 -11.51 9.06 -4.34
C HIS A 76 -11.59 10.42 -5.06
N GLN A 77 -10.83 11.42 -4.61
CA GLN A 77 -10.94 12.73 -5.25
C GLN A 77 -10.45 12.65 -6.71
N HIS A 78 -9.39 11.88 -6.94
CA HIS A 78 -8.79 11.77 -8.27
C HIS A 78 -8.43 10.32 -8.59
N VAL A 79 -9.44 9.46 -8.61
CA VAL A 79 -9.24 8.03 -8.82
C VAL A 79 -8.76 7.71 -10.22
N THR A 80 -7.83 6.76 -10.31
CA THR A 80 -7.46 6.16 -11.60
C THR A 80 -8.03 4.75 -11.64
N ASP A 81 -8.76 4.44 -12.70
CA ASP A 81 -9.34 3.13 -12.87
C ASP A 81 -8.45 2.33 -13.82
N LEU A 82 -8.09 1.12 -13.42
CA LEU A 82 -7.22 0.30 -14.26
C LEU A 82 -7.82 0.07 -15.65
N LYS A 83 -9.15 0.03 -15.74
CA LYS A 83 -9.79 -0.20 -17.03
C LYS A 83 -9.47 0.92 -18.04
N ASP A 84 -8.99 2.06 -17.54
CA ASP A 84 -8.65 3.19 -18.42
C ASP A 84 -7.18 3.21 -18.80
N LEU A 85 -6.45 2.18 -18.39
CA LEU A 85 -5.02 2.10 -18.68
C LEU A 85 -4.78 1.09 -19.79
N LYS A 86 -3.65 1.24 -20.47
CA LYS A 86 -3.30 0.35 -21.57
C LYS A 86 -2.03 -0.42 -21.25
N PRO A 87 -1.99 -1.72 -21.59
CA PRO A 87 -0.80 -2.51 -21.25
C PRO A 87 0.45 -1.96 -21.93
N ILE A 88 1.60 -2.25 -21.35
CA ILE A 88 2.88 -1.87 -21.93
C ILE A 88 3.56 -3.10 -22.55
N LYS A 89 3.23 -4.29 -22.04
CA LYS A 89 3.78 -5.54 -22.54
C LYS A 89 2.69 -6.62 -22.54
N GLY A 90 2.45 -7.18 -23.72
CA GLY A 90 1.36 -8.12 -23.88
C GLY A 90 0.05 -7.42 -23.58
N ASP A 91 -0.94 -8.17 -23.11
CA ASP A 91 -2.21 -7.57 -22.73
C ASP A 91 -2.41 -7.59 -21.21
N ASN A 92 -1.41 -8.05 -20.46
CA ASN A 92 -1.57 -8.30 -19.03
C ASN A 92 -0.58 -7.57 -18.10
N ILE A 93 0.39 -6.87 -18.66
CA ILE A 93 1.40 -6.16 -17.86
C ILE A 93 1.34 -4.65 -18.10
N PHE A 94 1.23 -3.91 -17.00
CA PHE A 94 1.11 -2.46 -17.00
C PHE A 94 2.23 -1.81 -16.17
N VAL A 95 2.63 -0.60 -16.57
CA VAL A 95 3.47 0.24 -15.72
C VAL A 95 2.73 1.57 -15.56
N TRP A 96 2.46 1.97 -14.32
CA TRP A 96 1.66 3.16 -14.07
C TRP A 96 2.32 4.09 -13.06
N GLN A 97 2.49 5.35 -13.45
CA GLN A 97 3.05 6.35 -12.54
C GLN A 97 1.92 7.04 -11.78
N GLY A 98 1.95 6.95 -10.46
CA GLY A 98 0.88 7.55 -9.67
C GLY A 98 0.80 7.04 -8.25
N ASP A 99 -0.21 7.53 -7.53
CA ASP A 99 -0.42 7.21 -6.12
C ASP A 99 -1.24 5.93 -5.98
N ILE A 100 -0.61 4.90 -5.41
CA ILE A 100 -1.20 3.56 -5.31
C ILE A 100 -2.47 3.56 -4.48
N THR A 101 -2.63 4.56 -3.62
CA THR A 101 -3.82 4.63 -2.77
C THR A 101 -5.02 5.23 -3.51
N THR A 102 -4.87 5.49 -4.81
CA THR A 102 -5.92 6.12 -5.60
C THR A 102 -6.27 5.28 -6.84
N LEU A 103 -5.77 4.05 -6.84
CA LEU A 103 -5.92 3.14 -7.98
C LEU A 103 -7.03 2.13 -7.73
N LYS A 104 -8.02 2.13 -8.63
CA LYS A 104 -9.09 1.16 -8.58
C LYS A 104 -8.63 -0.12 -9.28
N ILE A 105 -8.54 -1.18 -8.49
CA ILE A 105 -7.92 -2.43 -8.88
C ILE A 105 -8.28 -3.44 -7.80
N ASP A 106 -8.24 -4.73 -8.11
CA ASP A 106 -8.65 -5.73 -7.12
C ASP A 106 -7.68 -5.82 -5.92
N ALA A 107 -6.39 -5.67 -6.16
CA ALA A 107 -5.43 -5.74 -5.06
C ALA A 107 -4.22 -4.87 -5.27
N ILE A 108 -3.71 -4.31 -4.18
CA ILE A 108 -2.39 -3.70 -4.17
C ILE A 108 -1.54 -4.42 -3.14
N VAL A 109 -0.22 -4.42 -3.35
CA VAL A 109 0.70 -5.16 -2.49
C VAL A 109 1.42 -4.17 -1.58
N ASN A 110 1.36 -4.49 -0.28
CA ASN A 110 2.01 -3.70 0.75
C ASN A 110 3.27 -4.40 1.18
N ALA A 111 4.38 -3.66 1.24
CA ALA A 111 5.62 -4.13 1.82
C ALA A 111 5.56 -3.98 3.33
N ALA A 112 5.11 -5.03 4.01
CA ALA A 112 4.91 -5.02 5.44
C ALA A 112 6.18 -5.35 6.20
N ASN A 113 6.09 -5.24 7.52
CA ASN A 113 7.13 -5.75 8.42
C ASN A 113 6.60 -6.91 9.28
N SER A 114 7.51 -7.59 9.94
CA SER A 114 7.21 -8.85 10.60
C SER A 114 6.16 -8.69 11.70
N ARG A 115 6.16 -7.54 12.38
CA ARG A 115 5.15 -7.28 13.41
C ARG A 115 3.76 -7.16 12.76
N PHE A 116 3.75 -6.68 11.52
CA PHE A 116 2.63 -6.81 10.60
C PHE A 116 1.49 -5.80 10.85
N LEU A 117 1.71 -4.85 11.74
CA LEU A 117 0.69 -3.91 12.13
C LEU A 117 0.74 -2.61 11.33
N GLY A 118 1.61 -2.58 10.32
CA GLY A 118 1.87 -1.37 9.59
C GLY A 118 3.08 -0.64 10.14
N CYS A 119 3.20 0.63 9.75
CA CYS A 119 4.29 1.47 10.18
C CYS A 119 3.92 2.19 11.47
N MET A 120 4.72 2.00 12.51
CA MET A 120 4.47 2.63 13.80
C MET A 120 5.53 3.67 14.11
N GLN A 121 6.27 4.04 13.06
CA GLN A 121 7.25 5.12 13.10
C GLN A 121 6.60 6.43 12.63
N ALA A 122 6.33 7.33 13.59
CA ALA A 122 5.54 8.51 13.27
C ALA A 122 6.04 9.27 12.04
N ASN A 123 5.14 9.41 11.07
CA ASN A 123 5.34 10.18 9.86
C ASN A 123 6.44 9.64 8.94
N HIS A 124 6.73 8.35 9.06
CA HIS A 124 7.76 7.69 8.26
C HIS A 124 7.36 7.63 6.78
N ASP A 125 8.29 7.96 5.91
CA ASP A 125 8.03 7.90 4.47
C ASP A 125 8.29 6.50 3.94
N CYS A 126 7.31 5.63 4.10
CA CYS A 126 7.41 4.25 3.61
C CYS A 126 6.04 3.84 3.10
N ILE A 127 6.01 2.83 2.24
CA ILE A 127 4.77 2.48 1.58
C ILE A 127 3.77 1.89 2.56
N ASP A 128 4.28 1.18 3.56
CA ASP A 128 3.47 0.59 4.65
C ASP A 128 2.67 1.68 5.37
N ASN A 129 3.36 2.76 5.73
CA ASN A 129 2.77 3.92 6.37
C ASN A 129 1.65 4.53 5.50
N ILE A 130 1.99 4.74 4.23
CA ILE A 130 1.08 5.34 3.25
C ILE A 130 -0.20 4.50 3.07
N ILE A 131 -0.03 3.21 2.83
CA ILE A 131 -1.17 2.33 2.61
C ILE A 131 -2.04 2.23 3.89
N HIS A 132 -1.44 1.98 5.05
CA HIS A 132 -2.24 1.87 6.27
C HIS A 132 -2.97 3.17 6.57
N THR A 133 -2.29 4.31 6.41
CA THR A 133 -2.89 5.58 6.81
C THR A 133 -4.03 5.98 5.88
N LYS A 134 -3.92 5.68 4.58
CA LYS A 134 -5.02 5.94 3.65
C LYS A 134 -6.15 4.89 3.71
N ALA A 135 -5.85 3.67 4.10
CA ALA A 135 -6.88 2.62 4.14
C ALA A 135 -7.77 2.72 5.38
N GLY A 136 -7.17 3.04 6.51
CA GLY A 136 -7.87 3.11 7.78
C GLY A 136 -7.32 2.17 8.84
N VAL A 137 -7.68 2.45 10.08
CA VAL A 137 -7.19 1.69 11.22
C VAL A 137 -7.66 0.23 11.14
N GLN A 138 -8.73 -0.04 10.40
CA GLN A 138 -9.23 -1.39 10.30
C GLN A 138 -8.15 -2.34 9.76
N VAL A 139 -7.25 -1.82 8.92
CA VAL A 139 -6.23 -2.68 8.34
C VAL A 139 -5.29 -3.14 9.46
N ARG A 140 -4.88 -2.22 10.34
CA ARG A 140 -4.07 -2.62 11.49
C ARG A 140 -4.80 -3.59 12.40
N LEU A 141 -6.07 -3.34 12.66
CA LEU A 141 -6.80 -4.22 13.53
C LEU A 141 -6.91 -5.61 12.90
N ASP A 142 -7.16 -5.67 11.60
CA ASP A 142 -7.30 -6.96 10.94
C ASP A 142 -5.97 -7.70 10.89
N CYS A 143 -4.87 -6.97 10.69
CA CYS A 143 -3.56 -7.58 10.72
C CYS A 143 -3.23 -8.12 12.10
N ALA A 144 -3.65 -7.39 13.14
CA ALA A 144 -3.42 -7.87 14.49
C ALA A 144 -4.16 -9.19 14.72
N GLU A 145 -5.36 -9.31 14.16
CA GLU A 145 -6.12 -10.57 14.30
C GLU A 145 -5.50 -11.73 13.52
N ILE A 146 -4.96 -11.45 12.33
CA ILE A 146 -4.18 -12.43 11.59
C ILE A 146 -3.00 -12.95 12.46
N ILE A 147 -2.24 -12.04 13.05
CA ILE A 147 -1.12 -12.43 13.91
C ILE A 147 -1.58 -13.17 15.16
N ARG A 148 -2.67 -12.72 15.77
CA ARG A 148 -3.22 -13.43 16.93
C ARG A 148 -3.57 -14.88 16.60
N GLN A 149 -4.23 -15.11 15.46
CA GLN A 149 -4.65 -16.45 15.11
C GLN A 149 -3.46 -17.34 14.73
N GLN A 150 -2.43 -16.70 14.17
CA GLN A 150 -1.21 -17.37 13.70
C GLN A 150 -0.32 -17.79 14.87
N GLY A 151 -0.29 -16.97 15.90
CA GLY A 151 0.41 -17.30 17.14
C GLY A 151 1.85 -16.84 17.10
N ARG A 152 2.20 -16.14 16.02
CA ARG A 152 3.57 -15.65 15.85
C ARG A 152 3.61 -14.57 14.79
N ASN A 153 4.71 -13.84 14.77
CA ASN A 153 4.86 -12.77 13.79
C ASN A 153 5.13 -13.34 12.41
N GLU A 154 5.15 -12.48 11.41
CA GLU A 154 5.12 -12.92 10.02
C GLU A 154 6.52 -13.10 9.41
N GLY A 155 6.75 -14.25 8.81
CA GLY A 155 8.00 -14.52 8.12
C GLY A 155 8.16 -13.81 6.78
N VAL A 156 9.38 -13.85 6.26
CA VAL A 156 9.69 -13.26 4.98
C VAL A 156 9.18 -14.13 3.84
N GLY A 157 8.67 -13.50 2.78
CA GLY A 157 8.39 -14.22 1.55
C GLY A 157 7.04 -14.87 1.47
N LYS A 158 6.10 -14.41 2.29
CA LYS A 158 4.74 -14.97 2.35
C LYS A 158 3.74 -13.92 1.86
N ALA A 159 2.46 -14.25 1.91
CA ALA A 159 1.43 -13.29 1.56
C ALA A 159 0.16 -13.53 2.36
N LYS A 160 -0.39 -12.44 2.89
CA LYS A 160 -1.68 -12.43 3.59
C LYS A 160 -2.55 -11.30 3.04
N LYS A 161 -3.86 -11.52 2.94
CA LYS A 161 -4.76 -10.55 2.36
C LYS A 161 -5.63 -9.88 3.43
N THR A 162 -5.84 -8.57 3.33
CA THR A 162 -6.90 -7.91 4.10
C THR A 162 -7.76 -7.16 3.13
N ARG A 163 -8.91 -6.69 3.60
CA ARG A 163 -9.65 -5.73 2.80
C ARG A 163 -8.89 -4.41 2.65
N GLY A 164 -9.25 -3.65 1.62
CA GLY A 164 -8.67 -2.34 1.37
C GLY A 164 -9.37 -1.19 2.09
N TYR A 165 -10.54 -1.50 2.64
CA TYR A 165 -11.39 -0.55 3.34
C TYR A 165 -11.51 0.76 2.55
N ASN A 166 -10.93 1.87 3.00
CA ASN A 166 -11.20 3.14 2.32
C ASN A 166 -10.44 3.37 1.00
N LEU A 167 -9.51 2.48 0.66
CA LEU A 167 -8.83 2.54 -0.63
C LEU A 167 -9.78 2.18 -1.75
N PRO A 168 -9.53 2.71 -2.96
CA PRO A 168 -10.22 2.18 -4.15
C PRO A 168 -9.91 0.71 -4.43
N ALA A 169 -8.74 0.24 -3.99
CA ALA A 169 -8.39 -1.16 -4.09
C ALA A 169 -9.27 -2.06 -3.22
N LYS A 170 -9.78 -3.15 -3.78
CA LYS A 170 -10.63 -4.05 -2.99
C LYS A 170 -9.87 -4.70 -1.82
N TYR A 171 -8.61 -5.08 -2.08
CA TYR A 171 -7.83 -5.84 -1.12
C TYR A 171 -6.40 -5.31 -1.07
N ILE A 172 -5.76 -5.54 0.07
CA ILE A 172 -4.34 -5.29 0.25
C ILE A 172 -3.66 -6.63 0.49
N ILE A 173 -2.66 -6.98 -0.32
CA ILE A 173 -1.86 -8.17 -0.07
C ILE A 173 -0.55 -7.74 0.63
N HIS A 174 -0.34 -8.27 1.83
CA HIS A 174 0.79 -7.88 2.68
C HIS A 174 1.89 -8.93 2.60
N THR A 175 3.10 -8.50 2.25
CA THR A 175 4.26 -9.39 2.16
C THR A 175 5.44 -8.71 2.87
N VAL A 176 6.30 -9.52 3.49
CA VAL A 176 7.46 -9.04 4.20
C VAL A 176 8.69 -9.36 3.38
N GLY A 177 9.41 -8.33 2.94
CA GLY A 177 10.59 -8.54 2.13
C GLY A 177 11.85 -8.61 2.98
N PRO A 178 12.96 -8.96 2.33
CA PRO A 178 14.23 -9.05 3.05
C PRO A 178 14.88 -7.69 3.30
N GLN A 179 15.54 -7.55 4.45
CA GLN A 179 16.38 -6.39 4.73
C GLN A 179 17.74 -6.55 4.04
N ILE A 180 18.20 -5.51 3.35
CA ILE A 180 19.44 -5.60 2.57
C ILE A 180 20.52 -4.74 3.23
N ARG A 181 21.49 -5.40 3.86
CA ARG A 181 22.48 -4.74 4.70
C ARG A 181 23.85 -4.74 4.08
N ARG A 182 24.01 -5.54 3.02
CA ARG A 182 25.27 -5.65 2.27
C ARG A 182 25.07 -5.15 0.85
N LEU A 183 26.03 -4.35 0.39
CA LEU A 183 25.92 -3.61 -0.86
C LEU A 183 25.65 -4.53 -2.04
N PRO A 184 26.53 -5.51 -2.30
CA PRO A 184 26.24 -6.48 -3.35
C PRO A 184 25.16 -7.48 -2.92
N VAL A 185 23.93 -7.31 -3.41
CA VAL A 185 22.80 -8.09 -2.89
C VAL A 185 23.05 -9.58 -3.06
N SER A 186 23.06 -10.31 -1.95
CA SER A 186 23.31 -11.74 -1.98
C SER A 186 22.26 -12.50 -2.77
N LYS A 187 22.65 -13.68 -3.22
CA LYS A 187 21.76 -14.58 -3.92
C LYS A 187 20.56 -14.91 -3.03
N MET A 188 20.84 -15.11 -1.74
CA MET A 188 19.78 -15.50 -0.79
C MET A 188 18.69 -14.45 -0.73
N ASN A 189 19.08 -13.18 -0.72
CA ASN A 189 18.13 -12.07 -0.62
C ASN A 189 17.40 -11.87 -1.93
N GLN A 190 18.10 -12.11 -3.05
CA GLN A 190 17.46 -12.07 -4.35
C GLN A 190 16.33 -13.09 -4.41
N ASP A 191 16.61 -14.29 -3.94
CA ASP A 191 15.62 -15.36 -3.95
C ASP A 191 14.44 -15.02 -3.02
N LEU A 192 14.74 -14.39 -1.89
CA LEU A 192 13.69 -14.01 -0.95
C LEU A 192 12.75 -12.95 -1.55
N LEU A 193 13.30 -11.99 -2.28
CA LEU A 193 12.45 -10.98 -2.91
C LEU A 193 11.55 -11.64 -3.96
N ALA A 194 12.14 -12.53 -4.76
CA ALA A 194 11.35 -13.21 -5.78
C ALA A 194 10.22 -13.99 -5.14
N LYS A 195 10.51 -14.60 -3.99
CA LYS A 195 9.54 -15.42 -3.27
C LYS A 195 8.36 -14.54 -2.79
N CYS A 196 8.64 -13.30 -2.36
CA CYS A 196 7.56 -12.35 -2.09
C CYS A 196 6.64 -12.16 -3.28
N TYR A 197 7.20 -11.88 -4.45
CA TYR A 197 6.40 -11.64 -5.64
C TYR A 197 5.58 -12.87 -5.96
N LEU A 198 6.21 -14.03 -5.89
CA LEU A 198 5.51 -15.27 -6.25
C LEU A 198 4.36 -15.57 -5.28
N SER A 199 4.56 -15.32 -3.99
CA SER A 199 3.48 -15.56 -3.02
C SER A 199 2.30 -14.64 -3.25
N CYS A 200 2.58 -13.39 -3.61
CA CYS A 200 1.51 -12.44 -3.88
C CYS A 200 0.71 -12.82 -5.11
N LEU A 201 1.42 -13.21 -6.17
CA LEU A 201 0.77 -13.62 -7.42
C LEU A 201 -0.11 -14.84 -7.17
N LYS A 202 0.42 -15.86 -6.48
CA LYS A 202 -0.34 -17.06 -6.20
C LYS A 202 -1.57 -16.79 -5.34
N LEU A 203 -1.43 -15.89 -4.36
CA LEU A 203 -2.54 -15.58 -3.47
C LEU A 203 -3.64 -14.90 -4.26
N ALA A 204 -3.26 -14.01 -5.18
CA ALA A 204 -4.24 -13.31 -5.98
C ALA A 204 -5.04 -14.33 -6.81
N ASP A 205 -4.34 -15.27 -7.44
CA ASP A 205 -5.02 -16.24 -8.29
C ASP A 205 -5.89 -17.16 -7.44
N GLN A 206 -5.36 -17.54 -6.27
CA GLN A 206 -6.08 -18.40 -5.34
C GLN A 206 -7.45 -17.83 -4.97
N HIS A 207 -7.53 -16.50 -4.87
CA HIS A 207 -8.76 -15.82 -4.49
C HIS A 207 -9.51 -15.26 -5.68
N SER A 208 -9.10 -15.68 -6.87
CA SER A 208 -9.77 -15.33 -8.11
C SER A 208 -9.85 -13.81 -8.31
N LEU A 209 -8.75 -13.11 -8.01
CA LEU A 209 -8.66 -11.69 -8.31
C LEU A 209 -8.23 -11.47 -9.75
N ASN A 210 -8.69 -10.37 -10.36
CA ASN A 210 -8.42 -10.10 -11.75
C ASN A 210 -7.16 -9.28 -12.00
N HIS A 211 -6.69 -8.56 -10.98
CA HIS A 211 -5.55 -7.70 -11.16
C HIS A 211 -4.86 -7.39 -9.83
N VAL A 212 -3.56 -7.15 -9.91
CA VAL A 212 -2.79 -6.79 -8.73
C VAL A 212 -1.74 -5.78 -9.10
N ALA A 213 -1.49 -4.83 -8.19
CA ALA A 213 -0.43 -3.83 -8.36
C ALA A 213 0.66 -3.98 -7.31
N PHE A 214 1.90 -3.95 -7.79
CA PHE A 214 3.09 -3.88 -6.95
C PHE A 214 3.66 -2.47 -6.95
N CYS A 215 4.33 -2.09 -5.87
CA CYS A 215 4.88 -0.74 -5.72
C CYS A 215 6.39 -0.73 -5.84
N CYS A 216 6.92 0.42 -6.19
CA CYS A 216 8.35 0.66 -6.03
C CYS A 216 8.72 0.53 -4.58
N ILE A 217 9.93 0.02 -4.32
CA ILE A 217 10.46 0.00 -2.97
C ILE A 217 10.68 1.44 -2.52
N SER A 218 10.20 1.77 -1.33
CA SER A 218 10.44 3.10 -0.78
C SER A 218 11.92 3.21 -0.37
N THR A 219 12.53 4.36 -0.68
CA THR A 219 13.92 4.57 -0.34
C THR A 219 14.04 4.73 1.19
N GLY A 220 14.91 3.93 1.79
CA GLY A 220 15.13 3.95 3.22
C GLY A 220 16.24 2.97 3.60
N VAL A 221 16.73 3.07 4.83
CA VAL A 221 17.78 2.18 5.29
C VAL A 221 17.40 0.71 5.07
N PHE A 222 18.32 -0.01 4.44
CA PHE A 222 18.24 -1.45 4.18
C PHE A 222 17.14 -1.81 3.18
N ALA A 223 16.65 -0.81 2.45
CA ALA A 223 15.70 -1.07 1.38
C ALA A 223 16.42 -1.75 0.22
N PHE A 224 15.71 -2.65 -0.46
CA PHE A 224 16.26 -3.33 -1.64
C PHE A 224 16.58 -2.29 -2.73
N PRO A 225 17.80 -2.35 -3.30
CA PRO A 225 18.13 -1.38 -4.34
C PRO A 225 17.20 -1.45 -5.55
N GLN A 226 16.79 -0.28 -6.03
CA GLN A 226 15.73 -0.18 -7.02
C GLN A 226 16.02 -0.95 -8.31
N ASP A 227 17.27 -0.87 -8.79
CA ASP A 227 17.65 -1.49 -10.05
C ASP A 227 17.44 -3.00 -10.05
N GLU A 228 18.07 -3.67 -9.09
CA GLU A 228 17.99 -5.12 -8.98
CA GLU A 228 17.99 -5.12 -8.99
C GLU A 228 16.58 -5.57 -8.60
N ALA A 229 15.86 -4.72 -7.89
CA ALA A 229 14.50 -5.04 -7.48
C ALA A 229 13.59 -5.13 -8.70
N ALA A 230 13.72 -4.16 -9.59
CA ALA A 230 12.87 -4.11 -10.78
C ALA A 230 13.10 -5.35 -11.65
N GLU A 231 14.36 -5.76 -11.76
CA GLU A 231 14.71 -6.91 -12.57
C GLU A 231 14.11 -8.19 -12.01
N ILE A 232 14.12 -8.31 -10.69
CA ILE A 232 13.55 -9.50 -10.05
C ILE A 232 12.02 -9.48 -10.16
N ALA A 233 11.43 -8.29 -10.02
CA ALA A 233 9.99 -8.13 -10.15
C ALA A 233 9.50 -8.59 -11.52
N VAL A 234 10.09 -8.01 -12.56
CA VAL A 234 9.71 -8.35 -13.93
C VAL A 234 9.95 -9.82 -14.24
N ARG A 235 11.13 -10.32 -13.90
CA ARG A 235 11.47 -11.72 -14.16
C ARG A 235 10.50 -12.68 -13.47
N THR A 236 10.13 -12.36 -12.23
CA THR A 236 9.28 -13.26 -11.47
C THR A 236 7.84 -13.25 -11.99
N VAL A 237 7.34 -12.05 -12.31
CA VAL A 237 5.99 -11.91 -12.85
C VAL A 237 5.87 -12.61 -14.20
N GLU A 238 6.82 -12.36 -15.10
CA GLU A 238 6.79 -12.97 -16.43
C GLU A 238 6.88 -14.50 -16.38
N SER A 239 7.75 -15.03 -15.53
CA SER A 239 7.87 -16.48 -15.36
C SER A 239 6.56 -17.05 -14.84
N TYR A 240 5.95 -16.35 -13.88
CA TYR A 240 4.69 -16.82 -13.32
C TYR A 240 3.60 -16.90 -14.38
N LEU A 241 3.50 -15.85 -15.19
CA LEU A 241 2.40 -15.76 -16.14
C LEU A 241 2.60 -16.79 -17.27
N LYS A 242 3.86 -17.02 -17.65
CA LYS A 242 4.16 -18.04 -18.66
C LYS A 242 3.86 -19.44 -18.15
N GLU A 243 4.39 -19.77 -16.98
CA GLU A 243 4.32 -21.12 -16.44
C GLU A 243 2.91 -21.57 -16.05
N THR A 244 2.00 -20.62 -15.85
CA THR A 244 0.66 -20.92 -15.34
C THR A 244 -0.49 -20.66 -16.32
N ASN A 245 -0.25 -19.83 -17.35
CA ASN A 245 -1.33 -19.32 -18.21
C ASN A 245 -2.38 -18.55 -17.40
N SER A 246 -1.91 -17.86 -16.36
CA SER A 246 -2.78 -17.03 -15.54
C SER A 246 -3.39 -15.90 -16.35
N THR A 247 -4.61 -15.53 -16.02
CA THR A 247 -5.25 -14.41 -16.71
C THR A 247 -5.06 -13.14 -15.88
N LEU A 248 -4.36 -13.29 -14.76
CA LEU A 248 -4.10 -12.15 -13.87
C LEU A 248 -3.44 -11.00 -14.65
N LYS A 249 -3.90 -9.77 -14.38
CA LYS A 249 -3.25 -8.58 -14.91
C LYS A 249 -2.38 -7.97 -13.82
N VAL A 250 -1.18 -7.54 -14.18
CA VAL A 250 -0.22 -7.06 -13.19
C VAL A 250 0.22 -5.65 -13.53
N VAL A 251 0.18 -4.80 -12.51
CA VAL A 251 0.57 -3.40 -12.62
C VAL A 251 1.82 -3.15 -11.81
N PHE A 252 2.85 -2.60 -12.46
CA PHE A 252 4.03 -2.12 -11.73
C PHE A 252 3.82 -0.64 -11.49
N ASN A 253 3.58 -0.28 -10.23
CA ASN A 253 3.36 1.11 -9.85
C ASN A 253 4.69 1.78 -9.56
N VAL A 254 4.88 2.98 -10.09
CA VAL A 254 6.07 3.78 -9.81
C VAL A 254 5.67 5.21 -9.47
N PHE A 255 6.57 5.99 -8.89
CA PHE A 255 6.26 7.38 -8.54
C PHE A 255 7.16 8.36 -9.28
N THR A 256 8.46 8.08 -9.30
CA THR A 256 9.42 8.97 -9.92
C THR A 256 9.51 8.75 -11.42
N ASP A 257 9.96 9.77 -12.15
CA ASP A 257 10.19 9.63 -13.58
C ASP A 257 11.31 8.62 -13.81
N LYS A 258 12.26 8.57 -12.89
CA LYS A 258 13.40 7.65 -13.01
C LYS A 258 12.95 6.20 -12.87
N ASP A 259 12.10 5.92 -11.89
CA ASP A 259 11.62 4.56 -11.67
C ASP A 259 10.76 4.11 -12.85
N LEU A 260 10.05 5.07 -13.44
CA LEU A 260 9.25 4.78 -14.63
C LEU A 260 10.11 4.26 -15.77
N GLN A 261 11.19 4.98 -16.08
CA GLN A 261 12.09 4.59 -17.15
C GLN A 261 12.76 3.26 -16.81
N LEU A 262 13.05 3.08 -15.53
CA LEU A 262 13.72 1.87 -15.06
C LEU A 262 12.90 0.62 -15.39
N TYR A 263 11.60 0.67 -15.12
CA TYR A 263 10.74 -0.48 -15.34
C TYR A 263 10.48 -0.72 -16.82
N LYS A 264 10.41 0.37 -17.58
CA LYS A 264 10.26 0.27 -19.03
C LYS A 264 11.43 -0.50 -19.64
N GLU A 265 12.64 -0.18 -19.18
CA GLU A 265 13.83 -0.85 -19.67
C GLU A 265 13.81 -2.33 -19.30
N ALA A 266 13.50 -2.62 -18.05
CA ALA A 266 13.49 -4.00 -17.55
C ALA A 266 12.52 -4.87 -18.33
N LEU A 267 11.50 -4.23 -18.91
CA LEU A 267 10.49 -4.94 -19.70
C LEU A 267 10.83 -4.92 -21.19
N ASN A 268 11.78 -4.07 -21.57
CA ASN A 268 12.20 -3.95 -22.97
C ASN A 268 13.16 -5.07 -23.37
N ARG A 269 13.33 -6.05 -22.49
CA ARG A 269 14.16 -7.23 -22.77
C ARG A 269 15.63 -6.83 -22.90
ZN ZN B . 7.63 2.95 8.06
C1 EDO C . -13.79 -9.88 7.55
O1 EDO C . -13.25 -9.55 6.27
C2 EDO C . -13.25 -8.87 8.55
O2 EDO C . -11.88 -9.20 8.85
H11 EDO C . -14.89 -9.82 7.52
H12 EDO C . -13.50 -10.89 7.83
HO1 EDO C . -13.58 -10.17 5.61
H21 EDO C . -13.31 -7.86 8.13
H22 EDO C . -13.84 -8.90 9.47
HO2 EDO C . -11.54 -8.55 9.49
C1 EOH D . -10.51 6.67 19.36
C2 EOH D . -9.39 6.55 18.35
O EOH D . -11.14 5.42 19.51
H11 EOH D . -11.24 7.40 19.00
H12 EOH D . -10.12 7.00 20.31
H21 EOH D . -9.78 6.22 17.39
H22 EOH D . -8.65 5.83 18.71
H23 EOH D . -8.91 7.53 18.24
HO EOH D . -11.86 5.50 20.17
C1 EOH E . -14.59 17.07 24.07
C2 EOH E . -15.79 16.14 24.06
O EOH E . -13.67 16.69 23.09
H11 EOH E . -14.11 17.05 25.05
H12 EOH E . -14.92 18.10 23.87
H21 EOH E . -15.46 15.13 24.27
H22 EOH E . -16.28 16.19 23.08
H23 EOH E . -16.49 16.46 24.83
HO EOH E . -12.77 17.00 23.34
C1 EOH F . -3.34 13.69 2.11
C2 EOH F . -1.91 13.23 2.06
O EOH F . -4.17 12.97 1.22
H11 EOH F . -3.40 14.75 1.87
H12 EOH F . -3.73 13.56 3.13
H21 EOH F . -1.52 13.37 1.05
H22 EOH F . -1.85 12.17 2.31
H23 EOH F . -1.31 13.80 2.76
HO EOH F . -5.02 12.76 1.65
#